data_4DA0
#
_entry.id   4DA0
#
_cell.length_a   135.352
_cell.length_b   135.352
_cell.length_c   56.801
_cell.angle_alpha   90.000
_cell.angle_beta   90.000
_cell.angle_gamma   120.000
#
_symmetry.space_group_name_H-M   'P 63 2 2'
#
loop_
_entity.id
_entity.type
_entity.pdbx_description
1 polymer 'Purine nucleoside phosphorylase deoD-type'
2 non-polymer "2'-DEOXY-GUANOSINE"
3 non-polymer 'CHLORIDE ION'
#
_entity_poly.entity_id   1
_entity_poly.type   'polypeptide(L)'
_entity_poly.pdbx_seq_one_letter_code
;MGSSHHHHHHSSGLVPRGSHMSVHIGAEKGQIADTVLLPGDPLRAKFIAETYLENVECYNEVRGMYGFTGTYKGKKISVQ
GTGMGVPSISIYVNELIQSYDVQNLIRVGSCGAIRKDVKVRDVILAMTSSTDSQMNRVAFGSVDFAPCADFELLKNAYDA
AKDKGVPVTVGSVFTADQFYNDDSQIEKLAKYGVLGVEMETTALYTLAAKHGRKALSILTVSDHVLTGEETTAEERQTTF
HDMIDVALHSVSQ
;
_entity_poly.pdbx_strand_id   A
#
# COMPACT_ATOMS: atom_id res chain seq x y z
N SER A 22 1.39 -22.61 2.26
CA SER A 22 2.29 -21.47 2.62
C SER A 22 2.21 -21.16 4.12
N VAL A 23 3.37 -21.18 4.78
CA VAL A 23 3.46 -21.04 6.24
C VAL A 23 2.44 -20.09 6.90
N HIS A 24 2.28 -18.88 6.35
CA HIS A 24 1.55 -17.82 7.03
C HIS A 24 0.13 -17.60 6.51
N ILE A 25 -0.14 -18.12 5.33
CA ILE A 25 -1.44 -17.97 4.67
C ILE A 25 -2.08 -19.33 4.41
N GLY A 26 -3.16 -19.63 5.16
CA GLY A 26 -3.85 -20.91 5.05
C GLY A 26 -4.79 -21.02 3.85
N ALA A 27 -4.22 -21.13 2.64
CA ALA A 27 -5.00 -21.06 1.39
C ALA A 27 -4.64 -22.13 0.35
N GLU A 28 -5.67 -22.57 -0.39
CA GLU A 28 -5.51 -23.55 -1.48
C GLU A 28 -5.03 -22.85 -2.76
N LYS A 29 -4.22 -23.56 -3.55
CA LYS A 29 -3.60 -23.01 -4.76
C LYS A 29 -4.59 -22.33 -5.71
N GLY A 30 -4.36 -21.04 -6.00
CA GLY A 30 -5.26 -20.31 -6.92
C GLY A 30 -6.62 -19.92 -6.35
N GLN A 31 -6.90 -20.31 -5.11
CA GLN A 31 -8.00 -19.74 -4.32
C GLN A 31 -7.71 -18.26 -4.01
N ILE A 32 -6.58 -17.76 -4.55
CA ILE A 32 -6.17 -16.37 -4.42
C ILE A 32 -5.96 -15.76 -5.81
N ALA A 33 -6.48 -14.54 -5.98
CA ALA A 33 -6.49 -13.85 -7.27
C ALA A 33 -5.11 -13.41 -7.75
N ASP A 34 -5.03 -13.04 -9.02
CA ASP A 34 -3.83 -12.45 -9.60
C ASP A 34 -3.54 -11.10 -8.95
N THR A 35 -4.60 -10.47 -8.42
CA THR A 35 -4.55 -9.11 -7.93
C THR A 35 -5.00 -9.05 -6.47
N VAL A 36 -4.18 -8.41 -5.65
CA VAL A 36 -4.40 -8.39 -4.22
C VAL A 36 -4.23 -6.98 -3.70
N LEU A 37 -5.21 -6.52 -2.93
CA LEU A 37 -5.11 -5.23 -2.28
C LEU A 37 -4.58 -5.45 -0.88
N LEU A 38 -3.59 -4.65 -0.50
CA LEU A 38 -2.87 -4.88 0.75
C LEU A 38 -3.00 -3.74 1.78
N PRO A 39 -4.12 -3.70 2.51
CA PRO A 39 -4.25 -2.77 3.63
C PRO A 39 -3.43 -3.26 4.82
N GLY A 40 -2.99 -2.33 5.67
CA GLY A 40 -2.22 -2.73 6.83
C GLY A 40 -3.09 -3.49 7.81
N ASP A 41 -4.32 -2.99 7.95
CA ASP A 41 -5.26 -3.47 8.94
C ASP A 41 -6.04 -4.68 8.39
N PRO A 42 -5.96 -5.82 9.10
CA PRO A 42 -6.74 -7.00 8.72
C PRO A 42 -8.25 -6.84 8.92
N LEU A 43 -8.67 -5.79 9.64
CA LEU A 43 -10.09 -5.50 9.81
C LEU A 43 -10.62 -4.55 8.72
N ARG A 44 -9.74 -3.72 8.16
CA ARG A 44 -10.13 -2.93 7.00
C ARG A 44 -10.15 -3.88 5.83
N ALA A 45 -9.35 -4.94 5.93
CA ALA A 45 -9.36 -6.00 4.93
C ALA A 45 -10.74 -6.63 4.84
N LYS A 46 -11.29 -7.01 6.00
CA LYS A 46 -12.68 -7.43 6.13
C LYS A 46 -13.62 -6.39 5.48
N PHE A 47 -13.62 -5.19 6.03
CA PHE A 47 -14.44 -4.08 5.54
C PHE A 47 -14.49 -3.96 4.03
N ILE A 48 -13.30 -3.83 3.41
CA ILE A 48 -13.17 -3.68 1.95
C ILE A 48 -13.87 -4.79 1.17
N ALA A 49 -13.72 -6.03 1.61
CA ALA A 49 -14.34 -7.18 0.95
C ALA A 49 -15.86 -7.03 0.96
N GLU A 50 -16.42 -7.04 2.17
CA GLU A 50 -17.85 -6.91 2.42
C GLU A 50 -18.48 -5.72 1.70
N THR A 51 -17.82 -4.57 1.73
CA THR A 51 -18.40 -3.34 1.23
C THR A 51 -18.14 -3.07 -0.27
N TYR A 52 -17.32 -3.90 -0.92
CA TYR A 52 -16.91 -3.61 -2.31
C TYR A 52 -16.98 -4.77 -3.29
N LEU A 53 -17.02 -6.00 -2.76
CA LEU A 53 -16.87 -7.20 -3.62
C LEU A 53 -18.05 -8.16 -3.56
N GLU A 54 -18.39 -8.74 -4.71
CA GLU A 54 -19.47 -9.75 -4.81
C GLU A 54 -18.90 -11.16 -4.73
N ASN A 55 -19.63 -12.06 -4.06
CA ASN A 55 -19.19 -13.44 -3.80
C ASN A 55 -17.93 -13.48 -2.91
N VAL A 56 -18.09 -13.17 -1.62
CA VAL A 56 -16.95 -13.04 -0.71
C VAL A 56 -16.48 -14.38 -0.14
N GLU A 57 -15.27 -14.78 -0.52
CA GLU A 57 -14.63 -15.95 0.07
C GLU A 57 -13.64 -15.50 1.14
N CYS A 58 -13.38 -16.37 2.10
CA CYS A 58 -12.36 -16.10 3.09
C CYS A 58 -11.36 -17.24 3.13
N TYR A 59 -10.22 -17.06 2.45
CA TYR A 59 -9.17 -18.07 2.44
C TYR A 59 -8.33 -18.13 3.71
N ASN A 60 -7.93 -16.97 4.24
CA ASN A 60 -7.05 -16.94 5.42
C ASN A 60 -7.64 -16.38 6.71
N GLU A 61 -7.39 -17.10 7.80
CA GLU A 61 -7.72 -16.68 9.17
C GLU A 61 -6.55 -16.83 10.14
N VAL A 62 -5.36 -17.13 9.61
CA VAL A 62 -4.16 -17.28 10.44
C VAL A 62 -3.72 -15.91 11.01
N ARG A 63 -3.48 -15.88 12.32
CA ARG A 63 -3.04 -14.69 13.04
C ARG A 63 -4.05 -13.54 13.00
N GLY A 64 -5.29 -13.84 12.62
CA GLY A 64 -6.32 -12.83 12.46
C GLY A 64 -6.06 -11.94 11.25
N MET A 65 -4.99 -12.25 10.52
CA MET A 65 -4.57 -11.48 9.36
C MET A 65 -5.37 -11.95 8.16
N TYR A 66 -6.63 -11.49 8.11
CA TYR A 66 -7.64 -12.06 7.23
C TYR A 66 -7.36 -11.83 5.76
N GLY A 67 -7.65 -12.87 4.97
CA GLY A 67 -7.53 -12.80 3.51
C GLY A 67 -8.86 -13.14 2.87
N PHE A 68 -9.19 -12.42 1.79
CA PHE A 68 -10.49 -12.55 1.12
C PHE A 68 -10.36 -12.53 -0.39
N THR A 69 -11.26 -13.22 -1.07
CA THR A 69 -11.34 -13.20 -2.53
C THR A 69 -12.80 -12.99 -2.97
N GLY A 70 -12.99 -12.18 -4.03
CA GLY A 70 -14.31 -11.88 -4.52
C GLY A 70 -14.21 -11.33 -5.94
N THR A 71 -15.33 -10.84 -6.46
CA THR A 71 -15.32 -10.23 -7.78
C THR A 71 -15.68 -8.75 -7.66
N TYR A 72 -15.30 -7.98 -8.67
CA TYR A 72 -15.71 -6.58 -8.83
C TYR A 72 -15.74 -6.28 -10.31
N LYS A 73 -16.89 -5.78 -10.78
CA LYS A 73 -17.21 -5.69 -12.22
C LYS A 73 -16.94 -7.02 -12.93
N GLY A 74 -17.25 -8.12 -12.24
CA GLY A 74 -17.10 -9.47 -12.77
C GLY A 74 -15.72 -10.10 -12.66
N LYS A 75 -14.73 -9.29 -12.25
CA LYS A 75 -13.33 -9.68 -12.24
C LYS A 75 -12.90 -10.09 -10.83
N LYS A 76 -12.03 -11.10 -10.75
CA LYS A 76 -11.55 -11.62 -9.46
C LYS A 76 -10.51 -10.70 -8.79
N ILE A 77 -10.77 -10.34 -7.54
CA ILE A 77 -9.92 -9.45 -6.74
C ILE A 77 -9.74 -10.01 -5.33
N SER A 78 -8.50 -10.03 -4.86
CA SER A 78 -8.24 -10.52 -3.51
C SER A 78 -7.85 -9.39 -2.58
N VAL A 79 -7.96 -9.63 -1.29
CA VAL A 79 -7.72 -8.61 -0.30
C VAL A 79 -7.04 -9.25 0.93
N GLN A 80 -5.78 -8.90 1.14
CA GLN A 80 -4.99 -9.46 2.23
C GLN A 80 -4.40 -8.36 3.08
N GLY A 81 -4.60 -8.47 4.39
CA GLY A 81 -4.00 -7.58 5.37
C GLY A 81 -2.54 -7.95 5.53
N THR A 82 -1.70 -6.96 5.84
CA THR A 82 -0.25 -7.17 5.86
C THR A 82 0.37 -7.08 7.24
N GLY A 83 -0.39 -6.52 8.18
CA GLY A 83 0.22 -6.03 9.42
C GLY A 83 1.07 -4.79 9.16
N MET A 84 1.87 -4.43 10.16
CA MET A 84 2.64 -3.19 10.14
C MET A 84 4.15 -3.37 10.14
N GLY A 85 4.84 -2.47 9.44
CA GLY A 85 6.27 -2.53 9.35
C GLY A 85 6.72 -3.39 8.18
N VAL A 86 7.93 -3.14 7.74
CA VAL A 86 8.51 -3.83 6.60
C VAL A 86 8.60 -5.34 6.79
N PRO A 87 9.10 -5.81 7.96
CA PRO A 87 9.28 -7.25 8.15
C PRO A 87 8.00 -8.05 8.01
N SER A 88 6.88 -7.47 8.48
CA SER A 88 5.55 -8.08 8.38
C SER A 88 4.96 -8.14 6.98
N ILE A 89 4.91 -7.01 6.28
CA ILE A 89 4.37 -7.05 4.94
C ILE A 89 5.25 -7.93 4.05
N SER A 90 6.56 -7.90 4.28
CA SER A 90 7.49 -8.72 3.51
C SER A 90 7.03 -10.17 3.58
N ILE A 91 6.66 -10.61 4.78
CA ILE A 91 6.20 -11.97 4.95
C ILE A 91 5.07 -12.32 3.97
N TYR A 92 4.04 -11.48 3.90
CA TYR A 92 2.86 -11.80 3.11
C TYR A 92 3.11 -11.66 1.61
N VAL A 93 3.84 -10.62 1.25
CA VAL A 93 4.15 -10.33 -0.14
C VAL A 93 4.95 -11.49 -0.75
N ASN A 94 5.93 -11.99 0.00
CA ASN A 94 6.70 -13.13 -0.44
C ASN A 94 5.88 -14.36 -0.66
N GLU A 95 5.07 -14.75 0.32
CA GLU A 95 4.24 -15.94 0.15
C GLU A 95 3.20 -15.77 -0.94
N LEU A 96 2.49 -14.64 -0.93
CA LEU A 96 1.56 -14.33 -2.00
C LEU A 96 2.22 -14.49 -3.36
N ILE A 97 3.40 -13.91 -3.54
CA ILE A 97 4.11 -14.04 -4.82
C ILE A 97 4.57 -15.48 -5.12
N GLN A 98 5.37 -16.04 -4.21
CA GLN A 98 6.07 -17.32 -4.40
C GLN A 98 5.16 -18.55 -4.40
N SER A 99 4.15 -18.55 -3.52
CA SER A 99 3.30 -19.72 -3.32
C SER A 99 1.95 -19.61 -4.05
N TYR A 100 1.61 -18.40 -4.50
CA TYR A 100 0.34 -18.17 -5.22
C TYR A 100 0.47 -17.38 -6.54
N ASP A 101 1.68 -17.33 -7.09
CA ASP A 101 1.95 -16.66 -8.38
C ASP A 101 1.12 -15.36 -8.57
N VAL A 102 0.98 -14.60 -7.48
CA VAL A 102 0.30 -13.31 -7.50
C VAL A 102 0.95 -12.35 -8.50
N GLN A 103 0.15 -11.71 -9.34
CA GLN A 103 0.73 -10.88 -10.41
C GLN A 103 0.77 -9.39 -10.08
N ASN A 104 -0.26 -8.89 -9.40
CA ASN A 104 -0.40 -7.45 -9.15
C ASN A 104 -0.73 -7.21 -7.71
N LEU A 105 0.07 -6.38 -7.07
CA LEU A 105 -0.06 -6.18 -5.64
C LEU A 105 -0.16 -4.71 -5.37
N ILE A 106 -1.30 -4.28 -4.83
CA ILE A 106 -1.48 -2.86 -4.58
C ILE A 106 -1.71 -2.60 -3.11
N ARG A 107 -0.90 -1.72 -2.54
CA ARG A 107 -1.08 -1.35 -1.16
C ARG A 107 -2.15 -0.29 -1.14
N VAL A 108 -3.03 -0.42 -0.15
CA VAL A 108 -4.03 0.60 0.14
C VAL A 108 -4.04 0.86 1.65
N GLY A 109 -3.25 1.84 2.07
CA GLY A 109 -3.24 2.24 3.46
C GLY A 109 -3.17 3.75 3.51
N SER A 110 -2.91 4.30 4.69
CA SER A 110 -2.70 5.72 4.86
C SER A 110 -1.24 6.07 5.20
N CYS A 111 -0.95 7.35 5.23
CA CYS A 111 0.37 7.82 5.58
C CYS A 111 0.27 9.18 6.25
N GLY A 112 1.28 9.51 7.05
CA GLY A 112 1.30 10.78 7.73
C GLY A 112 1.87 11.77 6.77
N ALA A 113 1.11 12.80 6.46
CA ALA A 113 1.56 13.83 5.54
C ALA A 113 2.69 14.62 6.18
N ILE A 114 3.75 14.86 5.42
CA ILE A 114 4.89 15.59 5.98
C ILE A 114 5.23 16.92 5.30
N ARG A 115 4.73 17.14 4.09
CA ARG A 115 4.74 18.50 3.52
C ARG A 115 3.44 19.26 3.87
N LYS A 116 3.43 20.57 3.57
CA LYS A 116 2.23 21.38 3.77
C LYS A 116 1.38 21.41 2.49
N ASP A 117 2.05 21.34 1.35
CA ASP A 117 1.37 21.33 0.05
C ASP A 117 0.70 19.96 -0.28
N VAL A 118 0.67 19.07 0.71
CA VAL A 118 -0.05 17.83 0.61
C VAL A 118 -1.32 17.99 1.43
N LYS A 119 -2.46 17.84 0.77
CA LYS A 119 -3.75 18.15 1.36
C LYS A 119 -4.38 16.89 1.88
N VAL A 120 -5.22 17.01 2.90
CA VAL A 120 -5.91 15.84 3.49
C VAL A 120 -6.74 15.07 2.47
N ARG A 121 -7.23 15.76 1.44
CA ARG A 121 -8.02 15.11 0.41
C ARG A 121 -7.17 14.34 -0.55
N ASP A 122 -5.95 14.84 -0.79
CA ASP A 122 -5.02 14.25 -1.77
C ASP A 122 -4.90 12.74 -1.61
N VAL A 123 -4.87 12.06 -2.73
CA VAL A 123 -4.60 10.63 -2.79
C VAL A 123 -3.19 10.49 -3.33
N ILE A 124 -2.41 9.62 -2.68
CA ILE A 124 -1.01 9.59 -3.00
C ILE A 124 -0.58 8.32 -3.74
N LEU A 125 0.12 8.55 -4.85
CA LEU A 125 0.73 7.47 -5.61
C LEU A 125 2.26 7.55 -5.51
N ALA A 126 2.83 6.56 -4.81
CA ALA A 126 4.27 6.52 -4.56
C ALA A 126 5.02 6.01 -5.77
N MET A 127 5.88 6.85 -6.34
CA MET A 127 6.76 6.41 -7.41
C MET A 127 7.88 5.54 -6.84
N THR A 128 8.24 5.87 -5.61
CA THR A 128 9.41 5.35 -4.93
C THR A 128 9.22 5.56 -3.42
N SER A 129 10.13 5.04 -2.60
CA SER A 129 10.22 5.46 -1.19
C SER A 129 11.61 5.40 -0.62
N SER A 130 11.93 6.39 0.18
CA SER A 130 13.05 6.36 1.10
C SER A 130 12.72 5.46 2.28
N THR A 131 13.73 4.85 2.85
CA THR A 131 13.51 4.06 4.04
C THR A 131 14.68 4.17 4.98
N ASP A 132 14.43 3.92 6.26
CA ASP A 132 15.53 3.68 7.19
C ASP A 132 15.62 2.20 7.55
N SER A 133 14.76 1.37 6.97
CA SER A 133 14.87 -0.08 7.18
C SER A 133 16.19 -0.55 6.61
N GLN A 134 16.80 -1.54 7.24
CA GLN A 134 18.08 -2.04 6.77
C GLN A 134 17.85 -3.21 5.84
N MET A 135 16.61 -3.40 5.42
CA MET A 135 16.30 -4.50 4.53
C MET A 135 17.16 -4.52 3.27
N ASN A 136 17.33 -3.36 2.63
CA ASN A 136 18.09 -3.28 1.37
C ASN A 136 19.60 -3.30 1.55
N ARG A 137 20.10 -2.57 2.54
CA ARG A 137 21.54 -2.50 2.84
C ARG A 137 22.13 -3.88 3.18
N VAL A 138 21.32 -4.76 3.75
CA VAL A 138 21.73 -6.15 3.99
C VAL A 138 22.07 -6.85 2.67
N ALA A 139 21.19 -6.66 1.67
CA ALA A 139 21.30 -7.37 0.40
C ALA A 139 22.29 -6.73 -0.57
N PHE A 140 22.40 -5.40 -0.51
CA PHE A 140 23.15 -4.60 -1.50
C PHE A 140 24.48 -4.02 -1.00
N GLY A 141 24.56 -3.72 0.29
CA GLY A 141 25.78 -3.21 0.94
C GLY A 141 26.02 -1.72 0.75
N SER A 142 26.84 -1.40 -0.24
CA SER A 142 27.28 -0.04 -0.55
C SER A 142 26.28 0.80 -1.38
N VAL A 143 25.12 0.20 -1.69
CA VAL A 143 24.14 0.83 -2.57
C VAL A 143 22.94 1.33 -1.78
N ASP A 144 22.62 2.62 -1.97
CA ASP A 144 21.29 3.16 -1.69
C ASP A 144 20.39 2.65 -2.80
N PHE A 145 19.56 1.66 -2.47
CA PHE A 145 18.69 1.09 -3.48
C PHE A 145 17.37 1.82 -3.51
N ALA A 146 17.06 2.45 -4.63
CA ALA A 146 15.81 3.17 -4.78
C ALA A 146 14.74 2.27 -5.41
N PRO A 147 13.79 1.75 -4.61
CA PRO A 147 12.70 0.89 -5.10
C PRO A 147 11.75 1.63 -6.09
N CYS A 148 10.92 0.87 -6.80
CA CYS A 148 10.18 1.44 -7.94
C CYS A 148 8.77 0.88 -8.11
N ALA A 149 7.76 1.76 -8.06
CA ALA A 149 6.40 1.38 -8.46
C ALA A 149 6.42 0.92 -9.91
N ASP A 150 5.54 -0.02 -10.25
CA ASP A 150 5.38 -0.41 -11.64
C ASP A 150 4.60 0.69 -12.37
N PHE A 151 5.10 1.16 -13.50
CA PHE A 151 4.50 2.29 -14.19
C PHE A 151 3.10 1.98 -14.68
N GLU A 152 2.96 0.86 -15.39
CA GLU A 152 1.66 0.46 -15.90
C GLU A 152 0.59 0.58 -14.80
N LEU A 153 0.79 -0.11 -13.69
CA LEU A 153 -0.11 0.04 -12.53
C LEU A 153 -0.31 1.49 -12.12
N LEU A 154 0.76 2.27 -12.12
CA LEU A 154 0.72 3.62 -11.57
C LEU A 154 -0.03 4.53 -12.50
N LYS A 155 0.36 4.53 -13.79
CA LYS A 155 -0.34 5.27 -14.83
C LYS A 155 -1.84 4.93 -14.79
N ASN A 156 -2.16 3.64 -14.75
CA ASN A 156 -3.56 3.23 -14.71
C ASN A 156 -4.25 3.86 -13.53
N ALA A 157 -3.58 3.92 -12.39
CA ALA A 157 -4.20 4.53 -11.23
C ALA A 157 -4.38 6.05 -11.43
N TYR A 158 -3.40 6.71 -12.04
CA TYR A 158 -3.49 8.14 -12.32
C TYR A 158 -4.66 8.42 -13.26
N ASP A 159 -4.78 7.61 -14.32
CA ASP A 159 -5.89 7.71 -15.25
C ASP A 159 -7.22 7.51 -14.54
N ALA A 160 -7.34 6.39 -13.81
CA ALA A 160 -8.54 6.11 -13.03
C ALA A 160 -8.85 7.21 -12.00
N ALA A 161 -7.86 8.02 -11.67
CA ALA A 161 -8.05 9.12 -10.71
C ALA A 161 -8.59 10.35 -11.42
N LYS A 162 -7.93 10.75 -12.51
CA LYS A 162 -8.26 11.98 -13.23
C LYS A 162 -9.61 11.95 -13.95
N ASP A 163 -10.01 10.78 -14.47
CA ASP A 163 -11.30 10.65 -15.15
C ASP A 163 -12.47 10.93 -14.20
N LYS A 164 -12.41 10.35 -12.99
CA LYS A 164 -13.42 10.64 -11.97
C LYS A 164 -13.13 11.99 -11.31
N GLY A 165 -11.92 12.51 -11.53
CA GLY A 165 -11.52 13.85 -11.07
C GLY A 165 -11.04 13.92 -9.64
N VAL A 166 -10.43 12.82 -9.17
CA VAL A 166 -9.97 12.71 -7.79
C VAL A 166 -8.68 13.53 -7.61
N PRO A 167 -8.57 14.25 -6.46
CA PRO A 167 -7.30 14.93 -6.14
C PRO A 167 -6.20 13.89 -5.99
N VAL A 168 -5.08 14.07 -6.65
CA VAL A 168 -4.07 13.02 -6.64
C VAL A 168 -2.67 13.62 -6.76
N THR A 169 -1.78 13.27 -5.83
CA THR A 169 -0.37 13.66 -5.96
C THR A 169 0.51 12.44 -6.22
N VAL A 170 1.54 12.67 -7.04
CA VAL A 170 2.49 11.64 -7.42
C VAL A 170 3.93 12.07 -7.08
N GLY A 171 4.48 11.39 -6.07
CA GLY A 171 5.87 11.55 -5.66
C GLY A 171 6.26 10.41 -4.73
N SER A 172 7.30 10.66 -3.92
CA SER A 172 7.88 9.66 -3.03
C SER A 172 7.29 9.72 -1.61
N VAL A 173 7.54 8.67 -0.84
CA VAL A 173 7.18 8.57 0.57
C VAL A 173 8.40 8.09 1.36
N PHE A 174 8.20 7.85 2.65
CA PHE A 174 9.23 7.35 3.54
C PHE A 174 8.77 6.16 4.39
N THR A 175 9.36 5.00 4.10
CA THR A 175 9.03 3.78 4.77
C THR A 175 9.90 3.72 6.02
N ALA A 176 9.30 3.98 7.17
CA ALA A 176 10.03 4.03 8.43
C ALA A 176 9.96 2.72 9.20
N ASP A 177 10.94 2.50 10.08
CA ASP A 177 10.94 1.33 10.97
C ASP A 177 10.29 1.65 12.31
N GLN A 178 10.15 2.94 12.64
CA GLN A 178 9.67 3.33 13.96
C GLN A 178 8.60 4.41 13.90
N PHE A 179 7.37 4.02 14.26
CA PHE A 179 6.25 4.96 14.37
C PHE A 179 6.60 6.17 15.25
N TYR A 180 7.18 5.90 16.41
CA TYR A 180 7.73 6.92 17.29
C TYR A 180 9.22 6.90 17.06
N ASN A 181 9.78 8.06 16.73
CA ASN A 181 11.19 8.16 16.37
C ASN A 181 11.82 9.33 17.13
N ASP A 182 13.13 9.54 16.99
CA ASP A 182 13.70 10.88 17.22
C ASP A 182 13.12 11.77 16.10
N ASP A 183 12.83 11.13 14.94
CA ASP A 183 12.08 11.71 13.78
C ASP A 183 12.78 12.88 13.08
N SER A 184 14.07 13.05 13.37
CA SER A 184 14.90 14.10 12.76
C SER A 184 14.85 14.00 11.24
N GLN A 185 14.50 12.80 10.79
CA GLN A 185 14.54 12.41 9.40
C GLN A 185 13.47 13.09 8.57
N ILE A 186 12.22 12.95 8.99
CA ILE A 186 11.13 13.49 8.20
C ILE A 186 11.19 15.01 8.05
N GLU A 187 11.71 15.68 9.07
CA GLU A 187 11.97 17.12 8.99
C GLU A 187 12.98 17.41 7.88
N LYS A 188 14.02 16.57 7.78
CA LYS A 188 14.98 16.69 6.67
C LYS A 188 14.41 16.19 5.33
N LEU A 189 13.58 15.15 5.39
CA LEU A 189 12.98 14.55 4.19
C LEU A 189 11.90 15.39 3.55
N ALA A 190 11.11 16.09 4.36
CA ALA A 190 10.19 17.13 3.86
C ALA A 190 10.90 18.17 3.00
N LYS A 191 12.11 18.57 3.43
CA LYS A 191 12.96 19.53 2.70
C LYS A 191 13.39 19.04 1.33
N TYR A 192 13.19 17.75 1.06
CA TYR A 192 13.51 17.16 -0.24
C TYR A 192 12.25 16.73 -1.01
N GLY A 193 11.08 17.10 -0.50
CA GLY A 193 9.83 16.89 -1.25
C GLY A 193 9.18 15.53 -1.07
N VAL A 194 9.67 14.75 -0.12
CA VAL A 194 9.00 13.50 0.27
C VAL A 194 7.63 13.86 0.82
N LEU A 195 6.63 13.06 0.47
CA LEU A 195 5.26 13.47 0.68
C LEU A 195 4.78 13.04 2.06
N GLY A 196 5.07 11.80 2.43
CA GLY A 196 4.52 11.26 3.66
C GLY A 196 5.26 10.04 4.17
N VAL A 197 4.93 9.65 5.40
CA VAL A 197 5.60 8.54 6.04
C VAL A 197 4.61 7.41 6.33
N GLU A 198 5.01 6.21 5.95
CA GLU A 198 4.31 4.99 6.31
C GLU A 198 5.35 3.91 6.61
N MET A 199 4.97 2.64 6.55
CA MET A 199 5.85 1.59 7.04
C MET A 199 5.84 0.34 6.20
N GLU A 200 5.54 0.45 4.92
CA GLU A 200 5.35 -0.74 4.13
C GLU A 200 5.95 -0.67 2.77
N THR A 201 5.91 0.51 2.15
CA THR A 201 6.10 0.58 0.70
C THR A 201 7.43 0.04 0.19
N THR A 202 8.56 0.51 0.72
CA THR A 202 9.86 0.01 0.29
C THR A 202 9.81 -1.51 0.17
N ALA A 203 9.24 -2.14 1.18
CA ALA A 203 9.19 -3.61 1.27
C ALA A 203 8.37 -4.21 0.14
N LEU A 204 7.22 -3.61 -0.17
CA LEU A 204 6.45 -4.03 -1.33
C LEU A 204 7.28 -3.86 -2.61
N TYR A 205 7.73 -2.64 -2.87
CA TYR A 205 8.26 -2.35 -4.19
C TYR A 205 9.43 -3.26 -4.52
N THR A 206 10.24 -3.55 -3.50
CA THR A 206 11.50 -4.25 -3.69
C THR A 206 11.23 -5.73 -3.99
N LEU A 207 10.38 -6.33 -3.15
CA LEU A 207 10.02 -7.75 -3.30
C LEU A 207 9.24 -8.03 -4.58
N ALA A 208 8.43 -7.04 -4.98
CA ALA A 208 7.67 -7.12 -6.23
C ALA A 208 8.60 -7.06 -7.41
N ALA A 209 9.50 -6.09 -7.40
CA ALA A 209 10.52 -5.96 -8.45
C ALA A 209 11.44 -7.22 -8.53
N LYS A 210 11.85 -7.75 -7.39
CA LYS A 210 12.73 -8.93 -7.38
C LYS A 210 12.11 -10.14 -8.09
N HIS A 211 10.81 -10.33 -7.91
CA HIS A 211 10.15 -11.54 -8.37
C HIS A 211 9.37 -11.32 -9.66
N GLY A 212 9.62 -10.20 -10.33
CA GLY A 212 9.05 -9.95 -11.64
C GLY A 212 7.58 -9.53 -11.62
N ARG A 213 7.08 -9.19 -10.45
CA ARG A 213 5.67 -8.78 -10.30
C ARG A 213 5.50 -7.27 -10.38
N LYS A 214 4.23 -6.85 -10.43
CA LYS A 214 3.85 -5.45 -10.53
C LYS A 214 3.26 -5.00 -9.21
N ALA A 215 3.89 -3.98 -8.62
CA ALA A 215 3.46 -3.41 -7.35
C ALA A 215 3.18 -1.92 -7.47
N LEU A 216 2.32 -1.40 -6.60
CA LEU A 216 2.02 0.02 -6.47
C LEU A 216 1.44 0.28 -5.10
N SER A 217 1.75 1.44 -4.54
CA SER A 217 1.29 1.79 -3.23
C SER A 217 0.39 3.02 -3.33
N ILE A 218 -0.86 2.88 -2.89
CA ILE A 218 -1.84 3.99 -2.94
C ILE A 218 -2.30 4.41 -1.52
N LEU A 219 -2.13 5.69 -1.20
CA LEU A 219 -2.21 6.12 0.20
C LEU A 219 -2.99 7.40 0.45
N THR A 220 -3.76 7.41 1.54
CA THR A 220 -4.49 8.60 1.96
C THR A 220 -3.73 9.27 3.09
N VAL A 221 -4.14 10.46 3.48
CA VAL A 221 -3.49 11.12 4.60
C VAL A 221 -4.25 10.76 5.87
N SER A 222 -3.51 10.32 6.89
CA SER A 222 -4.07 9.98 8.19
C SER A 222 -4.10 11.18 9.13
N ASP A 223 -3.13 12.08 8.96
CA ASP A 223 -3.02 13.32 9.71
C ASP A 223 -1.75 13.97 9.23
N HIS A 224 -1.53 15.23 9.60
CA HIS A 224 -0.29 15.91 9.27
C HIS A 224 0.65 15.81 10.46
N VAL A 225 1.84 15.25 10.22
CA VAL A 225 2.81 14.95 11.27
C VAL A 225 3.52 16.19 11.81
N LEU A 226 3.95 17.06 10.90
CA LEU A 226 4.45 18.38 11.22
C LEU A 226 3.33 19.34 10.86
N THR A 227 2.28 19.33 11.71
CA THR A 227 0.92 19.79 11.37
C THR A 227 0.89 21.05 10.49
N GLY A 228 0.31 20.91 9.30
CA GLY A 228 -0.08 22.03 8.46
C GLY A 228 -1.58 22.24 8.58
N GLU A 229 -2.30 21.11 8.58
CA GLU A 229 -3.74 21.04 8.86
C GLU A 229 -4.04 19.67 9.53
N GLU A 230 -5.28 19.43 9.93
CA GLU A 230 -5.62 18.14 10.54
C GLU A 230 -6.89 17.43 9.98
N THR A 231 -7.16 16.22 10.46
CA THR A 231 -8.21 15.37 9.88
C THR A 231 -9.44 15.11 10.78
N THR A 232 -10.60 14.96 10.15
CA THR A 232 -11.84 14.52 10.82
C THR A 232 -12.10 13.06 10.45
N ALA A 233 -13.09 12.45 11.10
CA ALA A 233 -13.49 11.10 10.72
C ALA A 233 -14.13 11.10 9.34
N GLU A 234 -14.83 12.20 9.01
CA GLU A 234 -15.50 12.36 7.71
C GLU A 234 -14.52 12.38 6.53
N GLU A 235 -13.46 13.18 6.66
CA GLU A 235 -12.44 13.31 5.61
C GLU A 235 -11.75 11.98 5.27
N ARG A 236 -11.52 11.16 6.29
CA ARG A 236 -10.92 9.84 6.10
C ARG A 236 -11.86 8.89 5.36
N GLN A 237 -13.09 8.76 5.88
CA GLN A 237 -14.13 7.94 5.25
C GLN A 237 -14.28 8.22 3.74
N THR A 238 -14.16 9.50 3.39
CA THR A 238 -14.23 9.93 2.00
C THR A 238 -13.02 9.47 1.18
N THR A 239 -11.81 9.81 1.67
CA THR A 239 -10.56 9.52 0.96
C THR A 239 -10.26 8.04 0.95
N PHE A 240 -10.60 7.37 2.04
CA PHE A 240 -10.46 5.92 2.09
C PHE A 240 -11.21 5.29 0.93
N HIS A 241 -12.55 5.43 0.94
CA HIS A 241 -13.43 4.95 -0.12
C HIS A 241 -12.86 5.38 -1.46
N ASP A 242 -12.51 6.66 -1.50
CA ASP A 242 -11.98 7.30 -2.69
C ASP A 242 -10.78 6.49 -3.25
N MET A 243 -9.87 6.10 -2.35
CA MET A 243 -8.64 5.34 -2.69
C MET A 243 -8.92 3.92 -3.18
N ILE A 244 -9.87 3.25 -2.54
CA ILE A 244 -10.27 1.93 -2.95
C ILE A 244 -10.78 1.96 -4.37
N ASP A 245 -11.65 2.92 -4.70
CA ASP A 245 -12.08 3.07 -6.09
C ASP A 245 -10.89 3.16 -7.01
N VAL A 246 -10.06 4.17 -6.80
CA VAL A 246 -8.90 4.40 -7.65
C VAL A 246 -8.10 3.11 -7.87
N ALA A 247 -7.91 2.34 -6.81
CA ALA A 247 -7.26 1.04 -6.90
C ALA A 247 -8.05 0.13 -7.83
N LEU A 248 -9.29 -0.17 -7.43
CA LEU A 248 -10.18 -1.09 -8.16
C LEU A 248 -10.27 -0.80 -9.67
N HIS A 249 -10.48 0.46 -10.05
CA HIS A 249 -10.55 0.83 -11.47
C HIS A 249 -9.17 0.81 -12.19
N SER A 250 -8.10 0.59 -11.43
CA SER A 250 -6.74 0.55 -11.95
C SER A 250 -6.43 -0.68 -12.84
N VAL A 251 -7.47 -1.40 -13.26
CA VAL A 251 -7.34 -2.64 -14.05
C VAL A 251 -8.54 -2.96 -14.94
#